data_4ZDW
#
_entry.id   4ZDW
#
_cell.length_a   116.900
_cell.length_b   119.280
_cell.length_c   122.860
_cell.angle_alpha   90.00
_cell.angle_beta   90.00
_cell.angle_gamma   90.00
#
_symmetry.space_group_name_H-M   'I 2 2 2'
#
loop_
_entity.id
_entity.type
_entity.pdbx_description
1 polymer 'Ras-related protein SEC4'
2 polymer 'Rab guanine nucleotide exchange factor SEC2'
3 non-polymer "GUANOSINE-5'-DIPHOSPHATE"
4 water water
#
loop_
_entity_poly.entity_id
_entity_poly.type
_entity_poly.pdbx_seq_one_letter_code
_entity_poly.pdbx_strand_id
1 'polypeptide(L)'
;SSIMKILLIGDVGVGKSCLLVRFVEDKFNPSFITTIGIDFKIKTVDINGKKVKLQLWDTAGQERFRTITTAYYRGAMGII
LVYDVTDERTFTNIKQWFKTVNEHANDEAQLLLVGNKSDMETRVVTADQGEALAKELGIPFIESSAKNDDNVNEIFFTLA
KLIQEKIDSN
;
A
2 'polypeptide(L)'
;SNYNQLKEDYNTLKRELSDRDDEVKRLREDIAKENELRTKAEEEADKLNKEVEDLTASLFDEANNMVADARKEKYAIEIL
NKRLTEQLREKDT
;
B,C
#
loop_
_chem_comp.id
_chem_comp.type
_chem_comp.name
_chem_comp.formula
GDP RNA linking GUANOSINE-5'-DIPHOSPHATE 'C10 H15 N5 O11 P2'
#
# COMPACT_ATOMS: atom_id res chain seq x y z
N SER A 2 18.51 6.29 -11.58
CA SER A 2 17.62 5.90 -12.72
C SER A 2 16.67 4.72 -12.36
N ILE A 3 15.69 4.99 -11.50
CA ILE A 3 14.94 3.94 -10.75
C ILE A 3 13.92 3.15 -11.59
N MET A 4 13.54 1.97 -11.08
CA MET A 4 12.46 1.13 -11.60
C MET A 4 11.83 0.40 -10.42
N LYS A 5 10.51 0.29 -10.43
CA LYS A 5 9.76 -0.26 -9.29
C LYS A 5 9.20 -1.63 -9.62
N ILE A 6 9.53 -2.62 -8.80
CA ILE A 6 9.11 -3.97 -9.11
C ILE A 6 8.47 -4.56 -7.88
N LEU A 7 7.51 -5.44 -8.07
CA LEU A 7 6.77 -5.99 -6.94
C LEU A 7 6.49 -7.44 -7.18
N LEU A 8 6.41 -8.23 -6.13
CA LEU A 8 6.12 -9.66 -6.27
C LEU A 8 4.75 -9.97 -5.73
N ILE A 9 4.17 -11.06 -6.22
CA ILE A 9 2.72 -11.39 -6.10
C ILE A 9 2.45 -12.90 -6.11
N GLY A 10 1.69 -13.39 -5.13
CA GLY A 10 1.37 -14.81 -5.01
C GLY A 10 1.07 -15.20 -3.58
N ASP A 11 0.84 -16.49 -3.35
CA ASP A 11 0.42 -16.95 -2.00
C ASP A 11 1.60 -17.11 -1.03
N VAL A 12 1.27 -17.30 0.25
CA VAL A 12 2.25 -17.78 1.24
C VAL A 12 2.76 -19.18 0.79
N GLY A 13 4.01 -19.52 1.14
CA GLY A 13 4.55 -20.85 0.84
C GLY A 13 5.09 -21.04 -0.58
N VAL A 14 4.76 -20.09 -1.47
CA VAL A 14 5.21 -20.09 -2.87
C VAL A 14 6.74 -20.03 -3.00
N GLY A 15 7.38 -19.16 -2.20
CA GLY A 15 8.85 -18.96 -2.25
C GLY A 15 9.26 -17.61 -2.80
N LYS A 16 8.71 -16.55 -2.21
CA LYS A 16 8.89 -15.19 -2.73
C LYS A 16 9.91 -14.47 -1.88
N SER A 17 9.86 -14.73 -0.56
CA SER A 17 10.94 -14.38 0.34
C SER A 17 12.17 -14.99 -0.28
N CYS A 18 12.18 -16.32 -0.31
CA CYS A 18 13.35 -17.06 -0.68
C CYS A 18 13.92 -16.64 -2.03
N LEU A 19 13.09 -16.13 -2.93
CA LEU A 19 13.57 -15.61 -4.23
C LEU A 19 14.28 -14.29 -4.12
N LEU A 20 13.66 -13.36 -3.38
CA LEU A 20 14.21 -12.04 -3.18
C LEU A 20 15.55 -12.11 -2.41
N VAL A 21 15.50 -12.72 -1.22
CA VAL A 21 16.71 -13.15 -0.48
C VAL A 21 17.79 -13.53 -1.48
N ARG A 22 17.51 -14.48 -2.37
CA ARG A 22 18.55 -14.94 -3.28
C ARG A 22 18.92 -13.99 -4.40
N PHE A 23 17.95 -13.25 -4.94
CA PHE A 23 18.30 -12.35 -6.02
C PHE A 23 19.31 -11.34 -5.51
N VAL A 24 18.93 -10.63 -4.44
CA VAL A 24 19.77 -9.66 -3.75
C VAL A 24 20.63 -10.43 -2.77
N GLU A 25 21.94 -10.46 -2.98
CA GLU A 25 22.75 -11.25 -2.08
C GLU A 25 23.26 -10.35 -0.97
N ASP A 26 22.36 -9.92 -0.09
CA ASP A 26 22.81 -9.27 1.13
C ASP A 26 22.32 -9.98 2.37
N LYS A 27 23.28 -10.46 3.15
CA LYS A 27 23.01 -11.27 4.32
C LYS A 27 22.80 -10.40 5.54
N PHE A 28 23.24 -9.15 5.45
CA PHE A 28 23.15 -8.27 6.61
C PHE A 28 21.77 -7.69 6.79
N ASN A 29 21.10 -7.40 5.66
CA ASN A 29 19.68 -7.04 5.64
C ASN A 29 18.78 -7.91 6.49
N PRO A 30 17.70 -7.32 7.03
CA PRO A 30 16.81 -8.10 7.88
C PRO A 30 15.56 -8.60 7.15
N SER A 31 14.81 -9.49 7.80
CA SER A 31 13.50 -9.95 7.27
C SER A 31 12.29 -9.72 8.17
N PHE A 32 11.45 -8.81 7.73
CA PHE A 32 10.31 -8.37 8.48
C PHE A 32 9.11 -9.15 8.00
N ILE A 33 9.32 -9.93 6.95
CA ILE A 33 8.23 -10.45 6.15
C ILE A 33 7.37 -11.36 7.02
N THR A 34 7.96 -11.81 8.12
CA THR A 34 7.38 -12.75 9.04
C THR A 34 6.82 -12.02 10.24
N THR A 35 7.52 -10.99 10.68
CA THR A 35 7.12 -10.17 11.82
C THR A 35 6.05 -9.15 11.44
N ILE A 36 6.36 -8.24 10.51
CA ILE A 36 5.33 -7.28 10.11
C ILE A 36 4.52 -7.76 8.91
N GLY A 37 5.18 -8.20 7.83
CA GLY A 37 4.44 -8.65 6.65
C GLY A 37 4.79 -7.91 5.37
N ILE A 38 5.79 -7.05 5.43
CA ILE A 38 6.37 -6.52 4.21
C ILE A 38 7.90 -6.72 4.30
N ASP A 39 8.57 -6.58 3.14
CA ASP A 39 10.00 -6.25 3.04
C ASP A 39 10.18 -5.40 1.80
N PHE A 40 11.33 -4.74 1.66
CA PHE A 40 11.59 -3.79 0.55
C PHE A 40 13.07 -3.69 0.24
N LYS A 41 13.52 -4.12 -0.94
CA LYS A 41 14.96 -4.08 -1.23
C LYS A 41 15.34 -3.29 -2.47
N ILE A 42 16.61 -2.93 -2.57
CA ILE A 42 17.11 -2.13 -3.68
C ILE A 42 18.37 -2.80 -4.28
N LYS A 43 18.24 -3.45 -5.43
CA LYS A 43 19.44 -3.96 -6.10
C LYS A 43 19.74 -3.17 -7.35
N THR A 44 20.92 -2.58 -7.42
CA THR A 44 21.38 -1.94 -8.65
C THR A 44 21.81 -3.06 -9.61
N VAL A 45 21.46 -2.95 -10.90
CA VAL A 45 21.92 -3.86 -11.94
C VAL A 45 22.34 -3.06 -13.16
N ASP A 46 23.36 -3.58 -13.85
CA ASP A 46 23.78 -3.01 -15.12
C ASP A 46 22.95 -3.58 -16.23
N ILE A 47 22.13 -2.73 -16.80
CA ILE A 47 21.67 -2.95 -18.15
C ILE A 47 22.28 -1.80 -18.94
N ASN A 48 23.31 -2.16 -19.72
CA ASN A 48 24.10 -1.24 -20.55
C ASN A 48 24.99 -0.29 -19.72
N VAL A 52 20.70 1.85 -13.72
CA VAL A 52 19.34 1.38 -13.47
C VAL A 52 19.23 0.69 -12.10
N LYS A 53 18.40 1.25 -11.21
CA LYS A 53 18.30 0.78 -9.82
C LYS A 53 16.93 0.15 -9.55
N LEU A 54 16.89 -1.13 -9.20
CA LEU A 54 15.62 -1.79 -8.86
C LEU A 54 15.16 -1.42 -7.48
N GLN A 55 13.92 -1.79 -7.15
CA GLN A 55 13.30 -1.47 -5.87
C GLN A 55 12.14 -2.40 -5.74
N LEU A 56 12.12 -3.23 -4.73
CA LEU A 56 11.33 -4.42 -4.86
C LEU A 56 10.50 -4.65 -3.64
N TRP A 57 9.21 -4.88 -3.83
CA TRP A 57 8.33 -5.11 -2.70
C TRP A 57 8.08 -6.57 -2.54
N ASP A 58 7.74 -6.99 -1.35
CA ASP A 58 7.38 -8.36 -1.12
C ASP A 58 6.34 -8.30 -0.03
N THR A 59 5.45 -9.28 0.08
CA THR A 59 4.31 -9.12 0.97
C THR A 59 3.75 -10.43 1.44
N ALA A 60 3.34 -10.49 2.70
CA ALA A 60 2.59 -11.64 3.17
C ALA A 60 1.12 -11.50 2.80
N GLY A 61 0.77 -10.42 2.09
CA GLY A 61 -0.59 -10.18 1.58
C GLY A 61 -1.78 -10.25 2.55
N GLN A 62 -1.53 -10.09 3.85
CA GLN A 62 -2.59 -10.18 4.87
C GLN A 62 -3.43 -8.89 4.91
N GLU A 63 -4.46 -8.86 5.74
CA GLU A 63 -5.37 -7.71 5.75
C GLU A 63 -4.76 -6.45 6.37
N ARG A 64 -3.97 -6.66 7.41
CA ARG A 64 -3.49 -5.61 8.28
C ARG A 64 -2.91 -4.36 7.64
N PHE A 65 -2.20 -4.50 6.53
CA PHE A 65 -1.75 -3.31 5.81
C PHE A 65 -2.25 -3.30 4.38
N ARG A 66 -3.43 -3.89 4.17
CA ARG A 66 -3.93 -4.06 2.82
C ARG A 66 -4.04 -2.73 2.11
N THR A 67 -4.28 -1.66 2.86
CA THR A 67 -4.50 -0.36 2.24
C THR A 67 -3.22 0.16 1.65
N ILE A 68 -2.11 -0.13 2.32
CA ILE A 68 -0.79 0.32 1.86
C ILE A 68 -0.28 -0.59 0.77
N THR A 69 -0.32 -1.89 1.04
CA THR A 69 0.18 -2.89 0.09
C THR A 69 -0.42 -2.63 -1.30
N THR A 70 -1.68 -2.18 -1.30
CA THR A 70 -2.36 -1.81 -2.52
C THR A 70 -1.64 -0.65 -3.22
N ALA A 71 -1.12 0.28 -2.43
CA ALA A 71 -0.46 1.46 -2.97
C ALA A 71 0.75 1.09 -3.83
N TYR A 72 1.29 -0.12 -3.61
CA TYR A 72 2.41 -0.63 -4.38
C TYR A 72 1.98 -1.03 -5.81
N TYR A 73 0.77 -1.56 -5.91
CA TYR A 73 0.21 -1.93 -7.21
C TYR A 73 0.15 -0.70 -8.08
N ARG A 74 -0.39 0.39 -7.53
CA ARG A 74 -0.57 1.62 -8.29
C ARG A 74 0.73 2.19 -8.91
N GLY A 75 1.83 2.19 -8.14
CA GLY A 75 3.09 2.77 -8.61
C GLY A 75 4.10 1.76 -9.15
N ALA A 76 3.70 0.50 -9.26
CA ALA A 76 4.62 -0.59 -9.59
C ALA A 76 4.87 -0.68 -11.08
N MET A 77 6.14 -0.62 -11.50
CA MET A 77 6.50 -0.62 -12.93
C MET A 77 6.57 -2.01 -13.51
N GLY A 78 6.64 -3.01 -12.64
CA GLY A 78 6.55 -4.40 -13.09
C GLY A 78 6.01 -5.24 -11.97
N ILE A 79 5.15 -6.19 -12.30
CA ILE A 79 4.66 -7.10 -11.29
C ILE A 79 5.15 -8.49 -11.64
N ILE A 80 5.49 -9.28 -10.63
CA ILE A 80 5.84 -10.69 -10.87
C ILE A 80 4.77 -11.59 -10.24
N LEU A 81 4.03 -12.26 -11.12
CA LEU A 81 2.98 -13.18 -10.71
C LEU A 81 3.62 -14.55 -10.54
N VAL A 82 3.67 -15.01 -9.29
CA VAL A 82 4.45 -16.19 -8.93
C VAL A 82 3.59 -17.38 -8.51
N TYR A 83 3.99 -18.57 -8.99
CA TYR A 83 3.37 -19.85 -8.59
C TYR A 83 4.37 -20.95 -8.26
N ASP A 84 3.92 -21.88 -7.41
CA ASP A 84 4.64 -23.09 -7.08
C ASP A 84 4.26 -24.23 -8.05
N VAL A 85 5.25 -25.00 -8.49
CA VAL A 85 4.97 -26.15 -9.37
C VAL A 85 4.75 -27.41 -8.56
N THR A 86 5.21 -27.41 -7.31
CA THR A 86 4.95 -28.53 -6.40
C THR A 86 3.51 -28.45 -5.87
N ASP A 87 2.94 -27.25 -5.90
CA ASP A 87 1.58 -26.98 -5.43
C ASP A 87 0.63 -26.65 -6.62
N GLU A 88 -0.45 -27.42 -6.73
CA GLU A 88 -1.39 -27.32 -7.86
C GLU A 88 -2.35 -26.13 -7.76
N ARG A 89 -2.92 -25.90 -6.57
CA ARG A 89 -3.88 -24.81 -6.32
C ARG A 89 -3.27 -23.41 -6.43
N THR A 90 -1.96 -23.30 -6.20
CA THR A 90 -1.20 -22.06 -6.43
C THR A 90 -1.08 -21.76 -7.94
N PHE A 91 -0.97 -22.83 -8.73
CA PHE A 91 -0.92 -22.75 -10.20
C PHE A 91 -2.24 -22.31 -10.81
N THR A 92 -3.34 -22.62 -10.11
CA THR A 92 -4.70 -22.22 -10.51
C THR A 92 -5.14 -20.87 -9.94
N ASN A 93 -4.65 -20.52 -8.76
CA ASN A 93 -5.05 -19.26 -8.11
C ASN A 93 -4.58 -18.02 -8.84
N ILE A 94 -3.96 -18.22 -10.00
CA ILE A 94 -3.28 -17.15 -10.76
C ILE A 94 -4.17 -16.10 -11.44
N LYS A 95 -5.30 -16.51 -12.02
CA LYS A 95 -6.15 -15.53 -12.69
C LYS A 95 -6.85 -14.61 -11.69
N GLN A 96 -7.31 -15.14 -10.56
CA GLN A 96 -7.92 -14.29 -9.53
C GLN A 96 -6.91 -13.23 -9.05
N TRP A 97 -5.62 -13.53 -9.17
CA TRP A 97 -4.54 -12.56 -8.97
C TRP A 97 -4.46 -11.56 -10.09
N PHE A 98 -4.59 -12.06 -11.33
CA PHE A 98 -4.48 -11.24 -12.55
C PHE A 98 -5.52 -10.09 -12.68
N LYS A 99 -6.80 -10.38 -12.38
CA LYS A 99 -7.84 -9.35 -12.36
C LYS A 99 -7.59 -8.41 -11.18
N THR A 100 -7.29 -9.00 -10.01
CA THR A 100 -6.80 -8.29 -8.82
C THR A 100 -5.68 -7.32 -9.20
N VAL A 101 -4.82 -7.75 -10.10
CA VAL A 101 -3.74 -6.89 -10.58
C VAL A 101 -4.29 -5.70 -11.38
N ASN A 102 -4.99 -5.98 -12.48
CA ASN A 102 -5.33 -4.92 -13.43
C ASN A 102 -6.44 -3.96 -12.98
N GLU A 103 -7.16 -4.32 -11.93
CA GLU A 103 -8.06 -3.37 -11.28
C GLU A 103 -7.25 -2.33 -10.50
N HIS A 104 -6.07 -2.73 -10.03
CA HIS A 104 -5.15 -1.86 -9.27
C HIS A 104 -3.97 -1.40 -10.10
N ALA A 105 -3.44 -2.30 -10.93
CA ALA A 105 -2.25 -2.05 -11.74
C ALA A 105 -2.42 -0.88 -12.67
N ASN A 106 -1.47 0.05 -12.64
CA ASN A 106 -1.41 1.12 -13.64
C ASN A 106 -1.21 0.48 -15.00
N ASP A 107 -2.15 0.72 -15.91
CA ASP A 107 -2.30 -0.06 -17.14
C ASP A 107 -1.01 -0.43 -17.89
N GLU A 108 -0.12 0.56 -18.03
CA GLU A 108 1.11 0.46 -18.84
C GLU A 108 2.31 -0.22 -18.15
N ALA A 109 2.15 -0.56 -16.87
CA ALA A 109 3.18 -1.32 -16.14
C ALA A 109 3.21 -2.75 -16.65
N GLN A 110 4.40 -3.33 -16.72
CA GLN A 110 4.51 -4.66 -17.31
C GLN A 110 4.62 -5.83 -16.34
N LEU A 111 4.05 -6.96 -16.76
CA LEU A 111 3.95 -8.16 -15.95
C LEU A 111 4.75 -9.33 -16.54
N LEU A 112 4.82 -10.41 -15.74
CA LEU A 112 5.63 -11.59 -16.02
C LEU A 112 5.12 -12.71 -15.13
N LEU A 113 5.10 -13.94 -15.64
CA LEU A 113 4.74 -15.11 -14.84
C LEU A 113 6.00 -15.68 -14.21
N VAL A 114 5.86 -16.52 -13.19
CA VAL A 114 7.02 -17.25 -12.62
C VAL A 114 6.61 -18.60 -12.01
N GLY A 115 7.24 -19.67 -12.52
CA GLY A 115 7.01 -21.01 -12.01
C GLY A 115 8.15 -21.49 -11.14
N ASN A 116 7.97 -21.41 -9.82
CA ASN A 116 9.09 -21.65 -8.93
C ASN A 116 9.10 -23.01 -8.22
N LYS A 117 10.22 -23.30 -7.57
CA LYS A 117 10.51 -24.56 -6.88
C LYS A 117 10.63 -25.74 -7.85
N SER A 118 11.19 -25.47 -9.05
CA SER A 118 11.46 -26.50 -10.09
C SER A 118 12.45 -27.55 -9.55
N ASP A 119 13.45 -27.04 -8.85
CA ASP A 119 14.10 -27.71 -7.72
C ASP A 119 13.33 -28.94 -7.18
N MET A 120 12.55 -28.71 -6.12
CA MET A 120 11.74 -29.75 -5.47
C MET A 120 10.86 -30.42 -6.51
N GLU A 121 11.01 -31.75 -6.66
CA GLU A 121 10.29 -32.44 -7.74
C GLU A 121 9.23 -33.49 -7.33
N THR A 122 8.12 -32.99 -6.76
CA THR A 122 6.82 -33.70 -6.78
C THR A 122 5.82 -32.78 -7.65
N ARG A 123 6.65 -32.09 -8.54
CA ARG A 123 6.18 -31.11 -9.47
C ARG A 123 4.88 -31.53 -10.17
N VAL A 124 3.79 -30.80 -9.98
CA VAL A 124 2.50 -31.12 -10.59
C VAL A 124 2.40 -30.53 -12.01
N VAL A 125 2.96 -29.32 -12.19
CA VAL A 125 2.84 -28.57 -13.45
C VAL A 125 4.01 -28.85 -14.39
N THR A 126 3.71 -28.93 -15.68
CA THR A 126 4.75 -29.00 -16.69
C THR A 126 5.10 -27.57 -17.10
N ALA A 127 6.19 -27.41 -17.87
CA ALA A 127 6.59 -26.09 -18.37
C ALA A 127 5.65 -25.58 -19.47
N ASP A 128 5.15 -26.52 -20.27
CA ASP A 128 4.23 -26.23 -21.35
C ASP A 128 2.80 -25.96 -20.83
N GLN A 129 2.47 -26.56 -19.67
CA GLN A 129 1.23 -26.29 -18.94
C GLN A 129 1.31 -24.90 -18.33
N GLY A 130 2.54 -24.45 -18.09
CA GLY A 130 2.80 -23.11 -17.56
C GLY A 130 2.65 -22.02 -18.61
N GLU A 131 3.05 -22.31 -19.84
CA GLU A 131 2.87 -21.35 -20.91
C GLU A 131 1.43 -21.39 -21.43
N ALA A 132 0.71 -22.46 -21.06
CA ALA A 132 -0.73 -22.60 -21.30
C ALA A 132 -1.53 -21.53 -20.53
N LEU A 133 -1.06 -21.20 -19.31
CA LEU A 133 -1.61 -20.07 -18.55
C LEU A 133 -1.10 -18.76 -19.15
N ALA A 134 0.23 -18.68 -19.32
CA ALA A 134 0.93 -17.48 -19.81
C ALA A 134 0.45 -16.98 -21.17
N LYS A 135 0.13 -17.92 -22.06
CA LYS A 135 -0.28 -17.60 -23.43
C LYS A 135 -1.46 -16.62 -23.47
N GLU A 136 -2.54 -17.00 -22.79
CA GLU A 136 -3.81 -16.29 -22.83
C GLU A 136 -3.64 -14.85 -22.36
N LEU A 137 -2.82 -14.68 -21.33
CA LEU A 137 -2.76 -13.44 -20.56
C LEU A 137 -1.90 -12.35 -21.20
N GLY A 138 -1.15 -12.74 -22.25
CA GLY A 138 -0.35 -11.79 -23.03
C GLY A 138 0.90 -11.36 -22.30
N ILE A 139 1.44 -12.28 -21.48
CA ILE A 139 2.58 -11.95 -20.60
C ILE A 139 3.68 -13.03 -20.64
N PRO A 140 4.99 -12.60 -20.67
CA PRO A 140 6.17 -13.48 -20.71
C PRO A 140 6.25 -14.48 -19.54
N PHE A 141 6.91 -15.62 -19.80
CA PHE A 141 7.01 -16.72 -18.82
C PHE A 141 8.46 -17.14 -18.54
N ILE A 142 8.75 -17.51 -17.28
CA ILE A 142 10.03 -18.10 -16.83
C ILE A 142 9.75 -19.04 -15.65
N GLU A 143 10.58 -20.06 -15.49
CA GLU A 143 10.55 -20.85 -14.26
C GLU A 143 11.96 -20.98 -13.65
N SER A 144 12.00 -21.02 -12.32
CA SER A 144 13.25 -20.87 -11.58
C SER A 144 13.31 -21.79 -10.37
N SER A 145 14.51 -21.99 -9.82
CA SER A 145 14.61 -22.46 -8.45
C SER A 145 15.19 -21.37 -7.59
N ALA A 146 14.50 -21.09 -6.49
CA ALA A 146 15.00 -20.15 -5.52
C ALA A 146 16.15 -20.79 -4.77
N LYS A 147 15.99 -22.06 -4.36
CA LYS A 147 17.06 -22.81 -3.68
C LYS A 147 18.34 -22.84 -4.51
N ASN A 148 18.27 -23.47 -5.67
CA ASN A 148 19.47 -23.77 -6.43
C ASN A 148 19.98 -22.65 -7.31
N ASP A 149 19.35 -21.49 -7.24
CA ASP A 149 19.73 -20.34 -8.06
C ASP A 149 19.56 -20.56 -9.56
N ASP A 150 18.40 -21.10 -9.96
CA ASP A 150 18.10 -21.33 -11.37
C ASP A 150 17.26 -20.18 -11.90
N ASN A 151 17.74 -19.53 -12.97
CA ASN A 151 17.02 -18.45 -13.67
C ASN A 151 16.60 -17.26 -12.80
N VAL A 152 17.07 -17.23 -11.57
CA VAL A 152 16.70 -16.21 -10.62
C VAL A 152 17.13 -14.83 -11.14
N ASN A 153 18.41 -14.62 -11.39
CA ASN A 153 18.88 -13.29 -11.87
C ASN A 153 18.30 -12.89 -13.23
N GLU A 154 17.80 -13.88 -13.96
CA GLU A 154 17.11 -13.67 -15.26
C GLU A 154 15.71 -13.11 -15.04
N ILE A 155 14.87 -13.83 -14.27
CA ILE A 155 13.56 -13.35 -13.82
C ILE A 155 13.56 -11.81 -13.84
N PHE A 156 14.43 -11.23 -13.02
CA PHE A 156 14.53 -9.79 -12.84
C PHE A 156 15.16 -9.07 -14.02
N PHE A 157 16.22 -9.64 -14.59
CA PHE A 157 16.91 -9.02 -15.72
C PHE A 157 16.03 -8.89 -16.98
N THR A 158 15.23 -9.92 -17.27
CA THR A 158 14.33 -9.92 -18.46
C THR A 158 13.22 -8.90 -18.29
N LEU A 159 12.69 -8.84 -17.07
CA LEU A 159 11.58 -7.98 -16.73
C LEU A 159 11.96 -6.50 -16.90
N ALA A 160 13.14 -6.15 -16.41
CA ALA A 160 13.64 -4.79 -16.48
C ALA A 160 13.96 -4.34 -17.90
N LYS A 161 14.35 -5.29 -18.75
CA LYS A 161 14.61 -5.00 -20.16
C LYS A 161 13.31 -4.47 -20.79
N LEU A 162 12.28 -5.31 -20.74
CA LEU A 162 10.95 -5.02 -21.23
C LEU A 162 10.47 -3.62 -20.85
N ILE A 163 10.81 -3.22 -19.64
CA ILE A 163 10.43 -1.93 -19.10
C ILE A 163 11.24 -0.78 -19.70
N GLN A 164 12.54 -1.00 -19.89
CA GLN A 164 13.38 0.01 -20.52
C GLN A 164 13.03 0.15 -22.01
N GLU A 165 12.63 -0.96 -22.61
CA GLU A 165 12.11 -1.00 -23.97
C GLU A 165 10.81 -0.20 -24.07
N LYS A 166 9.97 -0.36 -23.05
CA LYS A 166 8.68 0.33 -22.97
C LYS A 166 8.80 1.85 -22.84
N ILE A 167 9.69 2.32 -21.97
CA ILE A 167 9.91 3.75 -21.76
C ILE A 167 10.09 4.50 -23.08
N ASP A 168 10.97 3.97 -23.94
CA ASP A 168 11.39 4.67 -25.14
C ASP A 168 10.49 4.49 -26.38
N SER A 169 9.35 3.83 -26.20
CA SER A 169 8.30 3.79 -27.24
C SER A 169 7.68 5.17 -27.43
N ASN A 170 7.81 6.02 -26.40
CA ASN A 170 7.11 7.32 -26.31
C ASN A 170 7.82 8.34 -25.40
N SER B 1 -63.23 33.72 12.21
CA SER B 1 -63.41 34.66 13.37
C SER B 1 -63.68 36.12 13.02
N ASN B 2 -63.79 36.50 11.74
CA ASN B 2 -63.51 35.69 10.54
C ASN B 2 -62.61 36.48 9.58
N TYR B 3 -62.90 37.77 9.36
CA TYR B 3 -62.06 38.59 8.52
C TYR B 3 -60.75 38.89 9.22
N ASN B 4 -60.78 39.13 10.52
CA ASN B 4 -59.50 39.28 11.17
C ASN B 4 -58.76 37.93 11.20
N GLN B 5 -59.49 36.82 11.31
CA GLN B 5 -58.85 35.50 11.25
C GLN B 5 -58.09 35.40 9.97
N LEU B 6 -58.70 35.95 8.93
CA LEU B 6 -58.05 36.03 7.63
C LEU B 6 -56.86 36.98 7.63
N LYS B 7 -57.14 38.27 7.78
CA LYS B 7 -56.12 39.32 7.69
C LYS B 7 -54.88 38.89 8.46
N GLU B 8 -55.13 38.23 9.59
CA GLU B 8 -54.07 37.79 10.48
C GLU B 8 -53.40 36.54 9.99
N ASP B 9 -54.16 35.60 9.45
CA ASP B 9 -53.54 34.38 8.96
C ASP B 9 -52.63 34.64 7.80
N TYR B 10 -53.10 35.48 6.88
CA TYR B 10 -52.30 35.92 5.75
C TYR B 10 -50.99 36.55 6.21
N ASN B 11 -51.08 37.52 7.11
CA ASN B 11 -49.86 38.01 7.77
C ASN B 11 -48.96 36.93 8.39
N THR B 12 -49.53 35.86 8.94
CA THR B 12 -48.70 34.80 9.49
C THR B 12 -48.05 34.07 8.35
N LEU B 13 -48.86 33.67 7.39
CA LEU B 13 -48.36 33.02 6.18
C LEU B 13 -47.26 33.81 5.50
N LYS B 14 -47.43 35.13 5.36
CA LYS B 14 -46.38 35.98 4.82
C LYS B 14 -45.01 35.84 5.49
N ARG B 15 -45.00 35.74 6.81
CA ARG B 15 -43.74 35.53 7.51
C ARG B 15 -43.34 34.05 7.51
N GLU B 16 -44.27 33.11 7.39
CA GLU B 16 -43.81 31.75 7.23
C GLU B 16 -43.05 31.62 5.90
N LEU B 17 -43.59 32.31 4.90
CA LEU B 17 -42.96 32.29 3.60
C LEU B 17 -41.63 33.00 3.57
N SER B 18 -41.44 34.04 4.35
CA SER B 18 -40.14 34.68 4.20
C SER B 18 -39.06 33.91 4.96
N ASP B 19 -39.45 33.26 6.05
CA ASP B 19 -38.60 32.32 6.76
C ASP B 19 -38.23 31.22 5.80
N ARG B 20 -39.23 30.61 5.18
CA ARG B 20 -38.94 29.51 4.29
C ARG B 20 -38.08 29.87 3.09
N ASP B 21 -38.28 31.05 2.47
CA ASP B 21 -37.50 31.51 1.32
C ASP B 21 -36.09 31.80 1.74
N ASP B 22 -35.88 32.27 2.97
CA ASP B 22 -34.50 32.50 3.44
C ASP B 22 -33.74 31.20 3.66
N GLU B 23 -34.35 30.29 4.40
CA GLU B 23 -33.79 28.99 4.67
C GLU B 23 -33.42 28.26 3.38
N VAL B 24 -34.18 28.51 2.32
CA VAL B 24 -33.74 28.06 1.00
C VAL B 24 -32.52 28.81 0.48
N LYS B 25 -32.49 30.13 0.54
CA LYS B 25 -31.31 30.78 0.06
C LYS B 25 -30.09 30.36 0.89
N ARG B 26 -30.35 29.96 2.15
CA ARG B 26 -29.28 29.55 3.09
C ARG B 26 -28.81 28.12 2.96
N LEU B 27 -29.73 27.22 2.68
CA LEU B 27 -29.30 25.86 2.44
C LEU B 27 -28.50 25.76 1.14
N ARG B 28 -28.84 26.60 0.16
CA ARG B 28 -28.09 26.62 -1.09
C ARG B 28 -26.64 26.99 -0.86
N GLU B 29 -26.38 27.99 -0.02
CA GLU B 29 -24.99 28.31 0.29
C GLU B 29 -24.36 27.32 1.29
N ASP B 30 -25.17 26.69 2.12
CA ASP B 30 -24.68 25.58 2.95
C ASP B 30 -24.16 24.41 2.14
N ILE B 31 -24.86 24.07 1.06
CA ILE B 31 -24.39 23.01 0.20
C ILE B 31 -23.06 23.32 -0.49
N ALA B 32 -22.89 24.53 -1.06
CA ALA B 32 -21.68 24.89 -1.80
C ALA B 32 -20.43 24.84 -0.94
N LYS B 33 -20.61 25.20 0.32
CA LYS B 33 -19.59 25.10 1.36
C LYS B 33 -19.29 23.63 1.66
N GLU B 34 -20.33 22.84 1.84
CA GLU B 34 -20.20 21.43 2.06
C GLU B 34 -19.63 20.71 0.85
N ASN B 35 -19.82 21.30 -0.32
CA ASN B 35 -19.19 20.81 -1.53
C ASN B 35 -17.69 21.02 -1.51
N GLU B 36 -17.27 22.17 -0.99
CA GLU B 36 -15.87 22.52 -1.02
C GLU B 36 -15.10 21.63 -0.13
N LEU B 37 -15.72 21.30 1.01
CA LEU B 37 -15.21 20.30 1.95
C LEU B 37 -15.15 18.94 1.35
N ARG B 38 -16.25 18.51 0.74
CA ARG B 38 -16.21 17.22 0.06
C ARG B 38 -15.05 17.13 -0.94
N THR B 39 -15.02 18.00 -1.95
CA THR B 39 -13.96 17.90 -2.95
C THR B 39 -12.57 17.90 -2.28
N LYS B 40 -12.36 18.78 -1.29
CA LYS B 40 -11.05 18.89 -0.63
C LYS B 40 -10.64 17.63 0.12
N ALA B 41 -11.62 16.98 0.76
CA ALA B 41 -11.42 15.69 1.44
C ALA B 41 -11.11 14.54 0.49
N GLU B 42 -11.75 14.54 -0.69
CA GLU B 42 -11.43 13.55 -1.74
C GLU B 42 -10.09 13.83 -2.42
N GLU B 43 -9.61 15.06 -2.29
CA GLU B 43 -8.28 15.41 -2.78
C GLU B 43 -7.24 14.87 -1.83
N GLU B 44 -7.44 15.13 -0.54
CA GLU B 44 -6.63 14.52 0.52
C GLU B 44 -6.59 12.98 0.43
N ALA B 45 -7.77 12.36 0.44
CA ALA B 45 -7.89 10.95 0.17
C ALA B 45 -6.87 10.50 -0.85
N ASP B 46 -7.00 11.09 -2.02
CA ASP B 46 -6.20 10.78 -3.18
C ASP B 46 -4.71 11.08 -2.94
N LYS B 47 -4.42 12.27 -2.43
CA LYS B 47 -3.05 12.76 -2.32
C LYS B 47 -2.26 11.76 -1.51
N LEU B 48 -2.78 11.42 -0.34
CA LEU B 48 -2.14 10.44 0.53
C LEU B 48 -1.98 9.10 -0.17
N ASN B 49 -3.07 8.61 -0.74
CA ASN B 49 -2.98 7.37 -1.47
C ASN B 49 -1.81 7.29 -2.44
N LYS B 50 -1.49 8.40 -3.10
CA LYS B 50 -0.32 8.45 -3.99
C LYS B 50 1.01 8.53 -3.21
N GLU B 51 1.16 9.57 -2.40
CA GLU B 51 2.37 9.79 -1.57
C GLU B 51 2.91 8.60 -0.71
N VAL B 52 2.05 7.63 -0.40
CA VAL B 52 2.30 6.57 0.57
C VAL B 52 3.41 5.52 0.29
N GLU B 53 3.47 4.97 -0.93
CA GLU B 53 4.54 4.01 -1.29
C GLU B 53 5.84 4.64 -0.87
N ASP B 54 6.20 5.73 -1.57
CA ASP B 54 7.40 6.52 -1.30
C ASP B 54 7.69 6.81 0.17
N LEU B 55 6.63 7.14 0.90
CA LEU B 55 6.74 7.38 2.32
C LEU B 55 7.11 6.11 3.04
N THR B 56 6.56 5.01 2.59
CA THR B 56 6.75 3.77 3.27
C THR B 56 8.10 3.16 2.93
N ALA B 57 8.49 3.32 1.67
CA ALA B 57 9.80 2.95 1.21
C ALA B 57 10.82 3.51 2.18
N SER B 58 10.56 4.71 2.65
CA SER B 58 11.61 5.44 3.32
C SER B 58 11.83 4.93 4.69
N LEU B 59 10.78 4.34 5.22
CA LEU B 59 10.82 3.69 6.53
C LEU B 59 11.60 2.40 6.39
N PHE B 60 11.26 1.62 5.39
CA PHE B 60 12.02 0.42 5.17
C PHE B 60 13.49 0.62 4.91
N ASP B 61 13.84 1.52 4.00
CA ASP B 61 15.21 1.89 3.82
C ASP B 61 15.90 1.98 5.18
N GLU B 62 15.44 2.92 5.99
CA GLU B 62 16.04 3.22 7.28
C GLU B 62 16.00 2.01 8.16
N ALA B 63 14.86 1.34 8.27
CA ALA B 63 14.82 0.17 9.12
C ALA B 63 15.90 -0.86 8.71
N ASN B 64 15.91 -1.31 7.46
CA ASN B 64 16.95 -2.22 7.00
C ASN B 64 18.34 -1.67 7.32
N ASN B 65 18.60 -0.42 6.95
CA ASN B 65 19.91 0.16 7.17
C ASN B 65 20.37 0.21 8.58
N MET B 66 19.42 0.42 9.47
CA MET B 66 19.70 0.37 10.90
C MET B 66 20.16 -1.01 11.30
N VAL B 67 19.48 -2.04 10.80
CA VAL B 67 19.83 -3.38 11.23
C VAL B 67 21.06 -3.91 10.53
N ALA B 68 21.27 -3.42 9.32
CA ALA B 68 22.45 -3.80 8.60
C ALA B 68 23.66 -3.30 9.37
N ASP B 69 23.69 -2.01 9.67
CA ASP B 69 24.86 -1.45 10.28
C ASP B 69 25.18 -2.09 11.59
N ALA B 70 24.13 -2.38 12.35
CA ALA B 70 24.25 -3.07 13.63
C ALA B 70 24.76 -4.45 13.40
N ARG B 71 24.35 -5.09 12.30
CA ARG B 71 24.74 -6.47 12.11
C ARG B 71 26.13 -6.63 11.60
N LYS B 72 26.63 -5.61 10.94
CA LYS B 72 27.92 -5.68 10.31
C LYS B 72 28.93 -5.46 11.40
N GLU B 73 28.53 -4.66 12.38
CA GLU B 73 29.43 -4.29 13.45
C GLU B 73 29.57 -5.45 14.38
N LYS B 74 28.53 -6.26 14.52
CA LYS B 74 28.71 -7.46 15.30
C LYS B 74 29.68 -8.32 14.54
N TYR B 75 29.32 -8.62 13.31
CA TYR B 75 30.05 -9.57 12.49
C TYR B 75 31.53 -9.25 12.47
N ALA B 76 31.82 -7.97 12.27
CA ALA B 76 33.19 -7.51 12.26
C ALA B 76 33.92 -7.87 13.55
N ILE B 77 33.22 -7.98 14.66
CA ILE B 77 33.93 -8.40 15.83
C ILE B 77 33.92 -9.93 16.06
N GLU B 78 33.22 -10.70 15.23
CA GLU B 78 33.38 -12.15 15.25
C GLU B 78 34.63 -12.38 14.47
N ILE B 79 34.86 -11.55 13.45
CA ILE B 79 36.07 -11.66 12.66
C ILE B 79 37.27 -11.38 13.55
N LEU B 80 37.10 -10.48 14.51
CA LEU B 80 38.16 -10.19 15.44
C LEU B 80 38.33 -11.38 16.39
N ASN B 81 37.24 -11.94 16.88
CA ASN B 81 37.33 -13.09 17.71
C ASN B 81 38.04 -14.16 16.94
N LYS B 82 37.58 -14.48 15.74
CA LYS B 82 38.27 -15.49 14.91
C LYS B 82 39.78 -15.27 14.89
N ARG B 83 40.20 -14.10 14.43
CA ARG B 83 41.62 -13.87 14.13
C ARG B 83 42.51 -14.00 15.32
N LEU B 84 42.02 -13.63 16.48
CA LEU B 84 42.84 -13.82 17.65
C LEU B 84 42.53 -15.11 18.41
N THR B 85 41.45 -15.81 18.09
CA THR B 85 41.28 -17.16 18.64
C THR B 85 42.26 -18.06 17.94
N GLU B 86 42.70 -17.62 16.76
CA GLU B 86 43.64 -18.39 16.00
C GLU B 86 45.09 -17.82 16.06
N GLN B 87 45.25 -16.57 16.53
CA GLN B 87 46.58 -16.00 16.79
C GLN B 87 47.15 -16.70 18.00
N LEU B 88 46.30 -16.91 18.99
CA LEU B 88 46.64 -17.77 20.10
C LEU B 88 46.86 -19.21 19.62
N ARG B 89 45.87 -19.77 18.92
CA ARG B 89 45.82 -21.23 18.67
C ARG B 89 47.08 -21.92 18.19
N GLU B 90 47.52 -21.60 16.98
CA GLU B 90 48.75 -22.21 16.43
C GLU B 90 49.97 -21.99 17.38
N LYS B 91 49.84 -20.98 18.25
CA LYS B 91 50.92 -20.48 19.11
C LYS B 91 50.70 -20.83 20.60
N SER C 1 -64.05 41.78 -3.44
CA SER C 1 -63.11 42.46 -4.40
C SER C 1 -61.72 42.58 -3.77
N ASN C 2 -61.63 43.30 -2.66
CA ASN C 2 -60.45 43.19 -1.83
C ASN C 2 -60.53 41.96 -0.98
N TYR C 3 -61.70 41.65 -0.45
CA TYR C 3 -61.86 40.41 0.26
C TYR C 3 -61.50 39.28 -0.67
N ASN C 4 -61.93 39.35 -1.92
CA ASN C 4 -61.60 38.26 -2.85
C ASN C 4 -60.14 38.25 -3.20
N GLN C 5 -59.57 39.43 -3.35
CA GLN C 5 -58.19 39.50 -3.81
C GLN C 5 -57.28 38.90 -2.79
N LEU C 6 -57.61 39.15 -1.53
CA LEU C 6 -56.91 38.64 -0.38
C LEU C 6 -57.01 37.12 -0.39
N LYS C 7 -58.23 36.60 -0.50
CA LYS C 7 -58.47 35.16 -0.54
C LYS C 7 -57.54 34.41 -1.46
N GLU C 8 -57.30 34.96 -2.65
CA GLU C 8 -56.49 34.27 -3.59
C GLU C 8 -55.03 34.63 -3.48
N ASP C 9 -54.72 35.77 -2.87
CA ASP C 9 -53.32 36.07 -2.62
C ASP C 9 -52.83 35.13 -1.58
N TYR C 10 -53.68 34.87 -0.60
CA TYR C 10 -53.44 33.80 0.33
C TYR C 10 -53.18 32.54 -0.45
N ASN C 11 -54.11 32.10 -1.29
CA ASN C 11 -53.88 30.86 -2.01
C ASN C 11 -52.58 30.79 -2.78
N THR C 12 -52.22 31.89 -3.43
CA THR C 12 -50.96 31.95 -4.17
C THR C 12 -49.77 31.67 -3.26
N LEU C 13 -49.65 32.47 -2.19
CA LEU C 13 -48.54 32.34 -1.28
C LEU C 13 -48.62 31.02 -0.55
N LYS C 14 -49.82 30.56 -0.25
CA LYS C 14 -49.98 29.20 0.26
C LYS C 14 -49.15 28.17 -0.52
N ARG C 15 -49.22 28.20 -1.85
CA ARG C 15 -48.37 27.29 -2.61
C ARG C 15 -46.96 27.82 -2.74
N GLU C 16 -46.79 29.11 -2.94
CA GLU C 16 -45.42 29.66 -2.95
C GLU C 16 -44.64 29.15 -1.79
N LEU C 17 -45.32 28.94 -0.66
CA LEU C 17 -44.71 28.37 0.54
C LEU C 17 -44.49 26.88 0.40
N SER C 18 -45.57 26.16 0.12
CA SER C 18 -45.54 24.72 -0.10
C SER C 18 -44.38 24.34 -0.99
N ASP C 19 -44.02 25.23 -1.90
CA ASP C 19 -42.92 25.00 -2.82
C ASP C 19 -41.57 24.99 -2.12
N ARG C 20 -41.43 25.90 -1.17
CA ARG C 20 -40.21 26.05 -0.41
C ARG C 20 -40.07 24.87 0.53
N ASP C 21 -41.16 24.47 1.17
CA ASP C 21 -41.11 23.29 2.01
C ASP C 21 -40.60 22.07 1.25
N ASP C 22 -40.95 21.98 -0.03
CA ASP C 22 -40.39 20.99 -0.92
C ASP C 22 -38.93 21.26 -1.19
N GLU C 23 -38.60 22.48 -1.60
CA GLU C 23 -37.23 22.80 -1.94
C GLU C 23 -36.27 22.80 -0.76
N VAL C 24 -36.80 22.93 0.45
CA VAL C 24 -36.01 22.69 1.65
C VAL C 24 -35.82 21.18 1.79
N LYS C 25 -36.91 20.43 1.85
CA LYS C 25 -36.81 18.98 2.07
C LYS C 25 -35.76 18.37 1.17
N ARG C 26 -35.78 18.74 -0.12
CA ARG C 26 -34.84 18.16 -1.06
C ARG C 26 -33.41 18.63 -0.80
N LEU C 27 -33.23 19.92 -0.56
CA LEU C 27 -31.90 20.46 -0.27
C LEU C 27 -31.27 19.83 0.96
N ARG C 28 -32.07 19.43 1.94
CA ARG C 28 -31.54 18.75 3.12
C ARG C 28 -31.11 17.30 2.88
N GLU C 29 -31.75 16.66 1.91
CA GLU C 29 -31.29 15.37 1.43
C GLU C 29 -29.95 15.57 0.73
N ASP C 30 -29.93 16.45 -0.27
CA ASP C 30 -28.72 16.75 -1.05
C ASP C 30 -27.48 17.05 -0.23
N ILE C 31 -27.63 17.74 0.91
CA ILE C 31 -26.47 17.99 1.76
C ILE C 31 -26.10 16.70 2.49
N ALA C 32 -27.08 15.98 3.04
CA ALA C 32 -26.80 14.75 3.80
C ALA C 32 -26.14 13.74 2.89
N LYS C 33 -26.51 13.82 1.61
CA LYS C 33 -25.89 13.10 0.51
C LYS C 33 -24.44 13.54 0.28
N GLU C 34 -24.23 14.86 0.22
CA GLU C 34 -22.88 15.43 0.07
C GLU C 34 -22.02 15.11 1.27
N ASN C 35 -22.62 15.16 2.45
CA ASN C 35 -21.91 14.87 3.68
C ASN C 35 -21.66 13.39 3.82
N GLU C 36 -22.48 12.59 3.15
CA GLU C 36 -22.23 11.18 3.08
C GLU C 36 -20.87 10.98 2.42
N LEU C 37 -20.75 11.47 1.18
CA LEU C 37 -19.51 11.42 0.40
C LEU C 37 -18.29 11.97 1.13
N ARG C 38 -18.42 13.14 1.72
CA ARG C 38 -17.32 13.69 2.47
C ARG C 38 -17.04 12.84 3.74
N THR C 39 -18.04 12.27 4.39
CA THR C 39 -17.71 11.35 5.48
C THR C 39 -16.81 10.21 5.01
N LYS C 40 -17.11 9.66 3.83
CA LYS C 40 -16.32 8.55 3.29
C LYS C 40 -14.86 8.93 2.99
N ALA C 41 -14.64 10.16 2.51
CA ALA C 41 -13.29 10.61 2.17
C ALA C 41 -12.44 10.83 3.41
N GLU C 42 -13.09 11.22 4.51
CA GLU C 42 -12.42 11.30 5.81
C GLU C 42 -12.25 9.90 6.39
N GLU C 43 -13.27 9.08 6.18
CA GLU C 43 -13.36 7.72 6.73
C GLU C 43 -12.14 6.87 6.35
N GLU C 44 -11.73 6.99 5.10
CA GLU C 44 -10.63 6.19 4.62
C GLU C 44 -9.27 6.81 4.93
N ALA C 45 -9.16 8.13 4.85
CA ALA C 45 -7.88 8.77 5.15
C ALA C 45 -7.46 8.47 6.56
N ASP C 46 -8.44 8.32 7.46
CA ASP C 46 -8.16 7.84 8.82
C ASP C 46 -7.67 6.43 8.79
N LYS C 47 -8.49 5.54 8.24
CA LYS C 47 -8.15 4.14 8.06
C LYS C 47 -6.69 4.00 7.66
N LEU C 48 -6.28 4.83 6.70
CA LEU C 48 -4.94 4.81 6.15
C LEU C 48 -3.90 5.20 7.18
N ASN C 49 -4.04 6.38 7.78
CA ASN C 49 -2.98 6.86 8.66
C ASN C 49 -2.96 6.02 9.87
N LYS C 50 -4.10 5.40 10.20
CA LYS C 50 -4.13 4.37 11.23
C LYS C 50 -3.10 3.29 10.90
N GLU C 51 -3.18 2.74 9.70
CA GLU C 51 -2.21 1.75 9.19
C GLU C 51 -0.78 2.28 9.16
N VAL C 52 -0.60 3.52 8.74
CA VAL C 52 0.74 4.07 8.63
C VAL C 52 1.34 4.38 10.00
N GLU C 53 0.51 4.83 10.94
CA GLU C 53 0.98 4.94 12.32
C GLU C 53 1.28 3.54 12.83
N ASP C 54 0.44 2.57 12.46
CA ASP C 54 0.63 1.22 12.92
C ASP C 54 1.93 0.61 12.41
N LEU C 55 2.22 0.78 11.14
CA LEU C 55 3.46 0.29 10.59
C LEU C 55 4.66 0.92 11.32
N THR C 56 4.56 2.20 11.64
CA THR C 56 5.76 2.98 11.87
C THR C 56 6.24 2.62 13.23
N ALA C 57 5.30 2.46 14.16
CA ALA C 57 5.64 1.96 15.52
C ALA C 57 6.27 0.57 15.46
N SER C 58 5.57 -0.31 14.74
CA SER C 58 5.85 -1.73 14.64
C SER C 58 7.17 -2.05 13.97
N LEU C 59 7.40 -1.43 12.81
CA LEU C 59 8.59 -1.68 11.99
C LEU C 59 9.70 -1.23 12.85
N PHE C 60 9.51 -0.11 13.51
CA PHE C 60 10.60 0.49 14.21
C PHE C 60 10.84 -0.16 15.52
N ASP C 61 9.79 -0.60 16.21
CA ASP C 61 9.99 -1.45 17.40
C ASP C 61 10.80 -2.68 16.98
N GLU C 62 10.44 -3.21 15.80
CA GLU C 62 11.00 -4.46 15.34
C GLU C 62 12.44 -4.34 14.96
N ALA C 63 12.80 -3.29 14.25
CA ALA C 63 14.18 -3.06 13.92
C ALA C 63 15.05 -2.94 15.21
N ASN C 64 14.55 -2.20 16.21
CA ASN C 64 15.33 -1.96 17.42
C ASN C 64 15.44 -3.20 18.19
N ASN C 65 14.40 -4.00 18.11
CA ASN C 65 14.44 -5.29 18.70
C ASN C 65 15.54 -6.14 18.13
N MET C 66 15.68 -6.12 16.82
CA MET C 66 16.76 -6.81 16.16
C MET C 66 18.07 -6.14 16.43
N VAL C 67 18.07 -4.83 16.64
CA VAL C 67 19.34 -4.14 16.81
C VAL C 67 19.86 -4.39 18.21
N ALA C 68 18.96 -4.54 19.17
CA ALA C 68 19.29 -5.05 20.51
C ALA C 68 20.00 -6.38 20.42
N ASP C 69 19.37 -7.34 19.76
CA ASP C 69 19.99 -8.64 19.57
C ASP C 69 21.39 -8.55 19.02
N ALA C 70 21.61 -7.83 17.93
CA ALA C 70 22.95 -7.68 17.40
C ALA C 70 23.93 -7.24 18.53
N ARG C 71 23.67 -6.05 19.08
CA ARG C 71 24.49 -5.46 20.13
C ARG C 71 24.67 -6.42 21.29
N LYS C 72 23.59 -7.05 21.72
CA LYS C 72 23.64 -8.00 22.83
C LYS C 72 24.75 -9.05 22.61
N GLU C 73 24.78 -9.62 21.42
CA GLU C 73 25.67 -10.71 21.11
C GLU C 73 27.02 -10.16 20.76
N LYS C 74 27.06 -8.94 20.21
CA LYS C 74 28.32 -8.26 19.93
C LYS C 74 29.07 -8.02 21.22
N TYR C 75 28.36 -7.63 22.27
CA TYR C 75 29.03 -7.39 23.55
C TYR C 75 29.52 -8.72 24.10
N ALA C 76 28.66 -9.74 24.15
CA ALA C 76 29.10 -11.08 24.59
C ALA C 76 30.41 -11.60 23.98
N ILE C 77 30.62 -11.28 22.70
CA ILE C 77 31.83 -11.66 21.99
C ILE C 77 32.93 -10.76 22.49
N GLU C 78 32.67 -9.45 22.57
CA GLU C 78 33.69 -8.49 23.01
C GLU C 78 34.34 -8.92 24.32
N ILE C 79 33.53 -9.48 25.21
CA ILE C 79 33.99 -10.08 26.48
C ILE C 79 35.05 -11.15 26.23
N LEU C 80 34.72 -12.11 25.34
CA LEU C 80 35.62 -13.21 25.05
C LEU C 80 36.84 -12.69 24.36
N ASN C 81 36.62 -11.72 23.49
CA ASN C 81 37.71 -10.99 22.87
C ASN C 81 38.76 -10.43 23.81
N LYS C 82 38.34 -9.81 24.91
CA LYS C 82 39.28 -9.30 25.90
C LYS C 82 39.97 -10.46 26.57
N ARG C 83 39.18 -11.35 27.15
CA ARG C 83 39.72 -12.58 27.74
C ARG C 83 40.83 -13.21 26.91
N LEU C 84 40.73 -13.16 25.59
CA LEU C 84 41.78 -13.75 24.76
C LEU C 84 43.00 -12.86 24.63
N THR C 85 42.82 -11.55 24.52
CA THR C 85 43.96 -10.63 24.40
C THR C 85 44.73 -10.58 25.70
N GLU C 86 44.03 -10.81 26.80
CA GLU C 86 44.67 -10.92 28.09
C GLU C 86 45.57 -12.18 28.17
N GLN C 87 45.40 -13.12 27.25
CA GLN C 87 46.26 -14.30 27.23
C GLN C 87 47.35 -14.17 26.22
N LEU C 88 47.08 -13.36 25.19
CA LEU C 88 48.11 -12.98 24.24
C LEU C 88 49.24 -12.21 24.90
N ARG C 89 48.93 -11.44 25.94
CA ARG C 89 50.00 -10.70 26.62
C ARG C 89 50.91 -11.60 27.48
N GLU C 90 50.34 -12.63 28.09
CA GLU C 90 51.09 -13.59 28.90
C GLU C 90 52.23 -14.24 28.14
N LYS C 91 51.88 -15.04 27.12
CA LYS C 91 52.83 -15.64 26.18
C LYS C 91 54.22 -14.98 26.23
PB GDP D . 6.55 -16.63 0.22
O1B GDP D . 5.80 -16.54 -1.10
O2B GDP D . 7.70 -15.65 0.29
O3B GDP D . 5.61 -16.64 1.42
O3A GDP D . 7.32 -18.05 0.36
PA GDP D . 8.73 -18.33 1.15
O1A GDP D . 9.92 -17.79 0.36
O2A GDP D . 8.62 -18.07 2.64
O5' GDP D . 8.78 -19.92 0.95
C5' GDP D . 8.09 -20.84 1.80
C4' GDP D . 8.87 -22.16 1.85
O4' GDP D . 9.27 -22.62 0.54
C3' GDP D . 10.15 -22.00 2.66
O3' GDP D . 10.25 -23.13 3.55
C2' GDP D . 11.25 -21.93 1.60
O2' GDP D . 12.51 -22.37 2.09
C1' GDP D . 10.69 -22.82 0.49
N9 GDP D . 11.23 -22.53 -0.87
C8 GDP D . 11.33 -21.33 -1.50
N7 GDP D . 11.86 -21.46 -2.75
C5 GDP D . 12.12 -22.77 -2.96
C6 GDP D . 12.68 -23.62 -4.05
O6 GDP D . 13.08 -23.14 -5.14
N1 GDP D . 12.76 -24.94 -3.83
C2 GDP D . 12.34 -25.52 -2.66
N2 GDP D . 12.44 -26.87 -2.50
N3 GDP D . 11.82 -24.81 -1.64
C4 GDP D . 11.69 -23.46 -1.72
#